data_4IVE
#
_entry.id   4IVE
#
_cell.length_a   67.395
_cell.length_b   67.395
_cell.length_c   101.380
_cell.angle_alpha   90.000
_cell.angle_beta   90.000
_cell.angle_gamma   90.000
#
_symmetry.space_group_name_H-M   'P 43'
#
loop_
_entity.id
_entity.type
_entity.pdbx_description
1 polymer 'Polyadenylate-binding protein 3'
2 non-polymer 'CHLORIDE ION'
3 water water
#
_entity_poly.entity_id   1
_entity_poly.type   'polypeptide(L)'
_entity_poly.pdbx_seq_one_letter_code
;GQGQETLTASRLASAPPQKQKQ(MSE)LGERLFPLIQA(MSE)HPTLAGKITG(MSE)LLEIDNSELLY(MSE)LESPES
LRSKVDEAVAVLQAHQAKEATQKAVNSATGVPTV
;
_entity_poly.pdbx_strand_id   A,B,C,D
#
loop_
_chem_comp.id
_chem_comp.type
_chem_comp.name
_chem_comp.formula
CL non-polymer 'CHLORIDE ION' 'Cl -1'
#
# COMPACT_ATOMS: atom_id res chain seq x y z
N GLN A 4 20.41 -7.45 -25.27
CA GLN A 4 18.98 -7.23 -25.03
C GLN A 4 18.33 -6.41 -26.18
N GLU A 5 17.19 -6.92 -26.67
CA GLU A 5 16.41 -6.39 -27.78
C GLU A 5 15.76 -5.05 -27.47
N THR A 6 15.70 -4.19 -28.51
CA THR A 6 14.99 -2.90 -28.49
C THR A 6 13.49 -3.21 -28.57
N LEU A 7 12.73 -2.77 -27.55
CA LEU A 7 11.28 -2.95 -27.53
C LEU A 7 10.65 -1.93 -28.47
N THR A 8 9.64 -2.33 -29.25
CA THR A 8 8.97 -1.38 -30.13
C THR A 8 7.47 -1.39 -29.88
N ALA A 9 6.83 -0.28 -30.28
CA ALA A 9 5.39 -0.09 -30.15
C ALA A 9 4.62 -1.26 -30.82
N SER A 10 5.05 -1.70 -32.02
CA SER A 10 4.39 -2.79 -32.77
C SER A 10 4.54 -4.15 -32.05
N ARG A 11 5.75 -4.42 -31.49
CA ARG A 11 6.04 -5.64 -30.74
C ARG A 11 5.25 -5.68 -29.42
N LEU A 12 4.98 -4.51 -28.81
CA LEU A 12 4.22 -4.44 -27.57
C LEU A 12 2.73 -4.59 -27.85
N ALA A 13 2.25 -3.94 -28.94
CA ALA A 13 0.84 -3.98 -29.35
C ALA A 13 0.33 -5.41 -29.58
N SER A 14 1.24 -6.36 -29.93
CA SER A 14 0.93 -7.77 -30.17
C SER A 14 0.63 -8.56 -28.85
N ALA A 15 1.12 -8.06 -27.72
CA ALA A 15 0.95 -8.69 -26.41
C ALA A 15 -0.23 -8.09 -25.64
N PRO A 16 -0.85 -8.84 -24.66
CA PRO A 16 -1.94 -8.24 -23.86
C PRO A 16 -1.50 -6.99 -23.08
N PRO A 17 -2.41 -6.03 -22.84
CA PRO A 17 -2.01 -4.76 -22.19
C PRO A 17 -1.20 -4.89 -20.89
N GLN A 18 -1.61 -5.78 -19.96
CA GLN A 18 -0.91 -6.00 -18.70
C GLN A 18 0.48 -6.61 -18.93
N LYS A 19 0.61 -7.42 -20.00
CA LYS A 19 1.89 -8.02 -20.38
C LYS A 19 2.83 -6.92 -20.91
N GLN A 20 2.28 -5.90 -21.64
CA GLN A 20 3.04 -4.75 -22.17
C GLN A 20 3.71 -4.01 -21.01
N LYS A 21 2.90 -3.67 -19.96
CA LYS A 21 3.30 -2.99 -18.72
C LYS A 21 4.36 -3.80 -17.98
N GLN A 22 4.21 -5.14 -17.96
CA GLN A 22 5.18 -6.03 -17.31
CA GLN A 22 5.21 -5.99 -17.30
C GLN A 22 6.56 -5.93 -18.02
N MSE A 23 6.55 -5.94 -19.37
CA MSE A 23 7.76 -5.87 -20.20
C MSE A 23 8.47 -4.53 -20.05
O MSE A 23 9.68 -4.49 -19.88
CB MSE A 23 7.41 -6.15 -21.66
CG MSE A 23 7.04 -7.61 -21.88
SE MSE A 23 6.63 -8.08 -23.71
CE MSE A 23 4.90 -7.34 -23.87
N LEU A 24 7.70 -3.44 -20.05
CA LEU A 24 8.25 -2.11 -19.85
C LEU A 24 8.74 -1.94 -18.41
N GLY A 25 7.99 -2.47 -17.45
CA GLY A 25 8.31 -2.45 -16.03
C GLY A 25 9.63 -3.14 -15.73
N GLU A 26 9.92 -4.28 -16.37
CA GLU A 26 11.16 -5.05 -16.21
C GLU A 26 12.39 -4.22 -16.62
N ARG A 27 12.24 -3.36 -17.64
CA ARG A 27 13.32 -2.51 -18.11
C ARG A 27 13.44 -1.23 -17.24
N LEU A 28 12.29 -0.64 -16.87
CA LEU A 28 12.23 0.61 -16.11
C LEU A 28 12.69 0.48 -14.68
N PHE A 29 12.20 -0.56 -13.97
CA PHE A 29 12.46 -0.77 -12.55
C PHE A 29 13.94 -0.73 -12.16
N PRO A 30 14.87 -1.50 -12.78
CA PRO A 30 16.29 -1.41 -12.34
C PRO A 30 16.87 -0.01 -12.45
N LEU A 31 16.49 0.74 -13.49
CA LEU A 31 16.98 2.11 -13.73
C LEU A 31 16.42 3.07 -12.68
N ILE A 32 15.12 2.95 -12.38
CA ILE A 32 14.45 3.81 -11.39
C ILE A 32 15.00 3.49 -9.99
N GLN A 33 15.22 2.20 -9.68
CA GLN A 33 15.78 1.78 -8.41
C GLN A 33 17.21 2.34 -8.23
N ALA A 34 17.99 2.44 -9.30
CA ALA A 34 19.34 3.00 -9.23
C ALA A 34 19.30 4.48 -8.80
N MSE A 35 18.23 5.23 -9.19
CA MSE A 35 17.99 6.66 -8.85
C MSE A 35 17.34 6.87 -7.49
O MSE A 35 17.81 7.73 -6.74
CB MSE A 35 17.07 7.32 -9.89
CG MSE A 35 17.51 7.19 -11.30
SE MSE A 35 16.24 8.16 -12.42
CE MSE A 35 16.76 7.47 -14.01
N HIS A 36 16.21 6.22 -7.23
CA HIS A 36 15.43 6.31 -6.00
C HIS A 36 15.06 4.93 -5.51
N PRO A 37 15.97 4.23 -4.82
CA PRO A 37 15.66 2.85 -4.39
C PRO A 37 14.44 2.70 -3.45
N THR A 38 14.17 3.69 -2.58
CA THR A 38 13.06 3.62 -1.59
C THR A 38 11.68 3.74 -2.26
N LEU A 39 11.54 4.63 -3.23
CA LEU A 39 10.24 4.84 -3.86
C LEU A 39 10.11 4.15 -5.22
N ALA A 40 11.14 3.36 -5.62
CA ALA A 40 11.28 2.70 -6.93
C ALA A 40 10.02 2.01 -7.40
N GLY A 41 9.44 1.17 -6.54
CA GLY A 41 8.23 0.40 -6.85
C GLY A 41 7.04 1.29 -7.18
N LYS A 42 6.85 2.35 -6.38
CA LYS A 42 5.78 3.34 -6.53
C LYS A 42 5.98 4.18 -7.76
N ILE A 43 7.21 4.69 -8.00
CA ILE A 43 7.57 5.50 -9.17
C ILE A 43 7.35 4.68 -10.44
N THR A 44 7.81 3.41 -10.44
CA THR A 44 7.67 2.51 -11.59
C THR A 44 6.21 2.32 -11.93
N GLY A 45 5.40 1.99 -10.93
CA GLY A 45 3.96 1.81 -11.10
C GLY A 45 3.29 3.03 -11.72
N MSE A 46 3.70 4.24 -11.27
CA MSE A 46 3.15 5.49 -11.74
CA MSE A 46 3.19 5.52 -11.73
C MSE A 46 3.56 5.76 -13.19
O MSE A 46 2.70 6.07 -14.01
CB MSE A 46 3.57 6.65 -10.85
CB MSE A 46 3.73 6.67 -10.86
CG MSE A 46 2.67 7.85 -11.01
CG MSE A 46 3.08 6.79 -9.51
SE MSE A 46 3.36 9.50 -10.27
SE MSE A 46 3.66 8.34 -8.44
CE MSE A 46 3.35 9.03 -8.38
CE MSE A 46 3.52 9.68 -9.78
N LEU A 47 4.86 5.64 -13.49
CA LEU A 47 5.39 5.88 -14.83
C LEU A 47 4.86 4.88 -15.84
N LEU A 48 4.42 3.68 -15.41
CA LEU A 48 3.85 2.68 -16.31
C LEU A 48 2.48 3.09 -16.86
N GLU A 49 1.90 4.18 -16.34
CA GLU A 49 0.62 4.69 -16.84
C GLU A 49 0.82 5.53 -18.09
N ILE A 50 2.07 6.02 -18.32
CA ILE A 50 2.45 6.80 -19.49
C ILE A 50 2.32 5.92 -20.76
N ASP A 51 1.98 6.54 -21.93
CA ASP A 51 1.83 5.85 -23.21
CA ASP A 51 1.84 5.85 -23.22
C ASP A 51 3.15 5.11 -23.52
N ASN A 52 3.01 3.89 -24.05
CA ASN A 52 4.11 2.99 -24.40
C ASN A 52 5.19 3.64 -25.26
N SER A 53 4.82 4.48 -26.23
CA SER A 53 5.81 5.13 -27.09
C SER A 53 6.67 6.13 -26.31
N GLU A 54 6.08 6.87 -25.38
CA GLU A 54 6.81 7.81 -24.54
C GLU A 54 7.73 7.04 -23.55
N LEU A 55 7.26 5.89 -23.05
CA LEU A 55 8.05 5.02 -22.18
C LEU A 55 9.28 4.45 -22.92
N LEU A 56 9.12 4.05 -24.20
CA LEU A 56 10.20 3.51 -25.02
C LEU A 56 11.25 4.58 -25.27
N TYR A 57 10.82 5.83 -25.47
CA TYR A 57 11.72 6.96 -25.62
C TYR A 57 12.55 7.15 -24.33
N MSE A 58 11.88 7.21 -23.17
CA MSE A 58 12.52 7.36 -21.86
CA MSE A 58 12.52 7.35 -21.86
C MSE A 58 13.53 6.22 -21.57
O MSE A 58 14.56 6.48 -20.94
CB MSE A 58 11.47 7.44 -20.75
CB MSE A 58 11.47 7.35 -20.76
CG MSE A 58 10.68 8.75 -20.76
CG MSE A 58 10.81 8.69 -20.58
SE MSE A 58 8.85 8.53 -20.06
SE MSE A 58 9.53 8.47 -19.15
CE MSE A 58 9.24 7.64 -18.24
CE MSE A 58 8.04 8.23 -20.18
N LEU A 59 13.25 4.98 -22.03
CA LEU A 59 14.17 3.85 -21.84
C LEU A 59 15.47 4.04 -22.61
N GLU A 60 15.46 4.94 -23.61
CA GLU A 60 16.64 5.24 -24.43
C GLU A 60 17.15 6.68 -24.18
N SER A 61 16.46 7.43 -23.30
CA SER A 61 16.83 8.83 -23.03
C SER A 61 16.96 9.03 -21.49
N PRO A 62 18.18 8.83 -20.95
CA PRO A 62 18.38 8.92 -19.49
C PRO A 62 17.96 10.26 -18.87
N GLU A 63 18.13 11.33 -19.63
CA GLU A 63 17.74 12.69 -19.25
C GLU A 63 16.22 12.80 -19.02
N SER A 64 15.44 12.23 -19.94
CA SER A 64 13.98 12.25 -19.92
C SER A 64 13.43 11.37 -18.86
N LEU A 65 14.07 10.20 -18.62
CA LEU A 65 13.63 9.30 -17.58
C LEU A 65 13.81 9.97 -16.22
N ARG A 66 14.97 10.62 -15.99
CA ARG A 66 15.29 11.30 -14.73
CA ARG A 66 15.28 11.33 -14.74
C ARG A 66 14.27 12.43 -14.44
N SER A 67 13.91 13.25 -15.45
CA SER A 67 12.95 14.34 -15.24
C SER A 67 11.56 13.80 -14.92
N LYS A 68 11.17 12.67 -15.52
CA LYS A 68 9.87 12.03 -15.24
C LYS A 68 9.87 11.41 -13.86
N VAL A 69 11.00 10.80 -13.45
CA VAL A 69 11.17 10.24 -12.10
C VAL A 69 11.00 11.37 -11.06
N ASP A 70 11.66 12.53 -11.27
CA ASP A 70 11.56 13.72 -10.41
C ASP A 70 10.12 14.25 -10.32
N GLU A 71 9.38 14.22 -11.45
CA GLU A 71 7.98 14.62 -11.50
C GLU A 71 7.11 13.65 -10.69
N ALA A 72 7.40 12.33 -10.77
CA ALA A 72 6.70 11.29 -10.04
C ALA A 72 6.95 11.43 -8.55
N VAL A 73 8.22 11.74 -8.17
CA VAL A 73 8.66 11.96 -6.79
C VAL A 73 7.87 13.12 -6.19
N ALA A 74 7.63 14.19 -6.97
CA ALA A 74 6.86 15.34 -6.51
C ALA A 74 5.41 14.95 -6.23
N VAL A 75 4.83 14.07 -7.07
CA VAL A 75 3.46 13.57 -6.93
C VAL A 75 3.33 12.77 -5.60
N LEU A 76 4.35 11.97 -5.27
CA LEU A 76 4.38 11.12 -4.07
C LEU A 76 4.59 11.88 -2.77
N GLN A 77 5.17 13.10 -2.84
CA GLN A 77 5.47 13.95 -1.68
C GLN A 77 4.20 14.39 -0.98
N ALA A 78 4.13 14.12 0.32
CA ALA A 78 3.00 14.48 1.17
C ALA A 78 3.00 15.98 1.51
N HIS A 79 1.82 16.50 1.92
CA HIS A 79 1.54 17.86 2.39
C HIS A 79 1.25 17.83 3.89
N GLU B 5 -21.40 8.46 2.62
CA GLU B 5 -20.44 8.26 3.71
C GLU B 5 -19.04 8.78 3.35
N THR B 6 -18.30 9.28 4.36
CA THR B 6 -16.92 9.79 4.23
C THR B 6 -15.99 8.72 4.83
N LEU B 7 -14.94 8.38 4.05
CA LEU B 7 -13.98 7.37 4.45
C LEU B 7 -13.02 7.96 5.50
N THR B 8 -13.12 7.45 6.73
CA THR B 8 -12.25 7.86 7.83
C THR B 8 -11.02 6.96 7.81
N ALA B 9 -9.94 7.41 8.46
CA ALA B 9 -8.71 6.61 8.59
C ALA B 9 -8.98 5.34 9.41
N SER B 10 -9.85 5.43 10.44
CA SER B 10 -10.19 4.26 11.25
C SER B 10 -11.00 3.24 10.44
N ARG B 11 -11.91 3.69 9.57
CA ARG B 11 -12.71 2.78 8.74
C ARG B 11 -11.80 2.05 7.73
N LEU B 12 -10.86 2.78 7.09
CA LEU B 12 -9.91 2.19 6.15
C LEU B 12 -9.00 1.16 6.86
N ALA B 13 -8.51 1.50 8.09
CA ALA B 13 -7.63 0.65 8.89
C ALA B 13 -8.32 -0.65 9.31
N SER B 14 -9.64 -0.64 9.47
CA SER B 14 -10.43 -1.81 9.89
C SER B 14 -10.70 -2.78 8.72
N ALA B 15 -10.49 -2.32 7.46
CA ALA B 15 -10.66 -3.11 6.24
C ALA B 15 -9.40 -3.97 5.98
N PRO B 16 -9.52 -5.17 5.35
CA PRO B 16 -8.31 -5.97 5.06
C PRO B 16 -7.34 -5.20 4.17
N PRO B 17 -6.00 -5.39 4.34
CA PRO B 17 -5.05 -4.67 3.49
C PRO B 17 -5.28 -4.90 1.98
N GLN B 18 -5.80 -6.10 1.60
CA GLN B 18 -6.11 -6.43 0.20
C GLN B 18 -7.13 -5.50 -0.39
N LYS B 19 -8.01 -4.88 0.44
CA LYS B 19 -9.12 -4.02 -0.06
C LYS B 19 -8.89 -2.51 0.02
N GLN B 20 -7.87 -2.07 0.76
CA GLN B 20 -7.63 -0.65 1.00
C GLN B 20 -7.37 0.23 -0.25
N LYS B 21 -6.49 -0.16 -1.19
CA LYS B 21 -6.27 0.66 -2.40
C LYS B 21 -7.56 0.68 -3.26
N GLN B 22 -8.29 -0.45 -3.34
CA GLN B 22 -9.55 -0.56 -4.08
C GLN B 22 -10.56 0.44 -3.51
N MSE B 23 -10.72 0.48 -2.17
CA MSE B 23 -11.62 1.40 -1.49
C MSE B 23 -11.25 2.84 -1.74
O MSE B 23 -12.14 3.65 -1.94
CB MSE B 23 -11.64 1.16 0.02
CG MSE B 23 -12.35 -0.09 0.43
SE MSE B 23 -12.19 -0.34 2.34
CE MSE B 23 -13.52 0.95 2.98
N LEU B 24 -9.95 3.17 -1.71
CA LEU B 24 -9.51 4.53 -1.96
C LEU B 24 -9.75 4.92 -3.43
N GLY B 25 -9.56 3.98 -4.34
CA GLY B 25 -9.77 4.17 -5.77
C GLY B 25 -11.21 4.50 -6.11
N GLU B 26 -12.16 3.78 -5.47
CA GLU B 26 -13.61 3.97 -5.62
C GLU B 26 -14.05 5.38 -5.21
N ARG B 27 -13.36 5.98 -4.23
CA ARG B 27 -13.65 7.33 -3.77
C ARG B 27 -12.94 8.38 -4.62
N LEU B 28 -11.69 8.10 -5.02
CA LEU B 28 -10.90 9.04 -5.81
C LEU B 28 -11.40 9.22 -7.23
N PHE B 29 -11.76 8.10 -7.90
CA PHE B 29 -12.18 8.12 -9.30
C PHE B 29 -13.31 9.15 -9.62
N PRO B 30 -14.46 9.17 -8.92
CA PRO B 30 -15.51 10.16 -9.26
C PRO B 30 -15.06 11.60 -9.12
N LEU B 31 -14.22 11.89 -8.11
CA LEU B 31 -13.69 13.24 -7.86
C LEU B 31 -12.73 13.67 -8.95
N ILE B 32 -11.83 12.77 -9.37
CA ILE B 32 -10.85 13.03 -10.43
C ILE B 32 -11.60 13.22 -11.76
N GLN B 33 -12.59 12.34 -12.04
CA GLN B 33 -13.41 12.38 -13.24
C GLN B 33 -14.15 13.72 -13.36
N ALA B 34 -14.58 14.31 -12.21
CA ALA B 34 -15.27 15.61 -12.18
C ALA B 34 -14.38 16.76 -12.71
N MSE B 35 -13.07 16.77 -12.40
CA MSE B 35 -12.17 17.83 -12.87
C MSE B 35 -11.33 17.44 -14.11
O MSE B 35 -10.81 18.33 -14.79
CB MSE B 35 -11.24 18.33 -11.73
CG MSE B 35 -10.29 17.27 -11.18
SE MSE B 35 -9.44 17.82 -9.50
CE MSE B 35 -10.85 17.31 -8.22
N HIS B 36 -11.22 16.13 -14.42
CA HIS B 36 -10.46 15.60 -15.57
C HIS B 36 -11.12 14.32 -16.11
N PRO B 37 -12.28 14.41 -16.82
CA PRO B 37 -12.97 13.17 -17.27
C PRO B 37 -12.19 12.31 -18.26
N THR B 38 -11.25 12.94 -18.97
CA THR B 38 -10.42 12.36 -20.03
C THR B 38 -9.57 11.16 -19.49
N LEU B 39 -8.38 11.42 -18.91
CA LEU B 39 -7.53 10.33 -18.45
C LEU B 39 -7.70 10.09 -16.94
N ALA B 40 -8.95 10.12 -16.46
CA ALA B 40 -9.36 9.93 -15.07
C ALA B 40 -8.88 8.59 -14.50
N GLY B 41 -9.02 7.53 -15.31
CA GLY B 41 -8.61 6.18 -14.96
C GLY B 41 -7.12 6.08 -14.72
N LYS B 42 -6.32 6.71 -15.60
CA LYS B 42 -4.87 6.74 -15.51
C LYS B 42 -4.43 7.57 -14.31
N ILE B 43 -5.02 8.76 -14.11
CA ILE B 43 -4.69 9.64 -12.98
C ILE B 43 -4.97 8.92 -11.65
N THR B 44 -6.14 8.26 -11.52
CA THR B 44 -6.54 7.52 -10.33
C THR B 44 -5.50 6.46 -10.01
N GLY B 45 -5.15 5.65 -11.01
CA GLY B 45 -4.17 4.58 -10.88
C GLY B 45 -2.83 5.09 -10.41
N MSE B 46 -2.41 6.26 -10.94
CA MSE B 46 -1.14 6.90 -10.59
CA MSE B 46 -1.14 6.91 -10.59
C MSE B 46 -1.16 7.39 -9.14
O MSE B 46 -0.22 7.10 -8.40
CB MSE B 46 -0.86 8.10 -11.52
CB MSE B 46 -0.86 8.09 -11.54
CG MSE B 46 -0.71 7.68 -12.94
CG MSE B 46 0.52 8.69 -11.32
SE MSE B 46 -0.99 9.07 -14.23
SE MSE B 46 1.25 9.92 -12.65
CE MSE B 46 0.79 9.74 -14.12
CE MSE B 46 1.00 8.88 -14.26
N LEU B 47 -2.23 8.12 -8.74
CA LEU B 47 -2.38 8.67 -7.41
C LEU B 47 -2.53 7.57 -6.35
N LEU B 48 -2.99 6.36 -6.74
CA LEU B 48 -3.11 5.24 -5.79
C LEU B 48 -1.78 4.72 -5.33
N GLU B 49 -0.67 5.21 -5.92
CA GLU B 49 0.68 4.82 -5.50
C GLU B 49 1.09 5.59 -4.25
N ILE B 50 0.42 6.73 -3.98
CA ILE B 50 0.67 7.58 -2.80
C ILE B 50 0.26 6.82 -1.54
N ASP B 51 0.93 7.09 -0.39
CA ASP B 51 0.61 6.45 0.89
CA ASP B 51 0.60 6.46 0.89
C ASP B 51 -0.86 6.73 1.24
N ASN B 52 -1.56 5.71 1.77
CA ASN B 52 -2.98 5.73 2.15
C ASN B 52 -3.36 6.93 3.03
N SER B 53 -2.50 7.33 4.01
CA SER B 53 -2.80 8.48 4.89
C SER B 53 -2.88 9.78 4.09
N GLU B 54 -1.95 9.97 3.14
CA GLU B 54 -1.91 11.14 2.29
C GLU B 54 -3.11 11.13 1.33
N LEU B 55 -3.54 9.94 0.88
CA LEU B 55 -4.72 9.83 0.03
C LEU B 55 -6.01 10.20 0.79
N LEU B 56 -6.10 9.85 2.08
CA LEU B 56 -7.27 10.16 2.89
C LEU B 56 -7.39 11.66 3.10
N TYR B 57 -6.23 12.35 3.27
CA TYR B 57 -6.17 13.81 3.38
C TYR B 57 -6.67 14.45 2.07
N MSE B 58 -6.17 13.92 0.93
CA MSE B 58 -6.52 14.39 -0.41
CA MSE B 58 -6.50 14.32 -0.44
C MSE B 58 -8.00 14.21 -0.72
O MSE B 58 -8.57 15.05 -1.43
CB MSE B 58 -5.68 13.70 -1.47
CB MSE B 58 -5.76 13.42 -1.42
CG MSE B 58 -4.29 14.29 -1.59
CG MSE B 58 -4.96 14.14 -2.44
SE MSE B 58 -3.05 13.04 -2.43
SE MSE B 58 -3.75 12.88 -3.26
CE MSE B 58 -4.03 12.63 -4.10
CE MSE B 58 -2.31 13.10 -2.04
N LEU B 59 -8.66 13.17 -0.16
CA LEU B 59 -10.09 12.98 -0.35
C LEU B 59 -10.92 14.04 0.43
N GLU B 60 -10.34 14.62 1.51
CA GLU B 60 -11.01 15.64 2.34
C GLU B 60 -10.61 17.08 1.91
N SER B 61 -9.38 17.26 1.33
CA SER B 61 -8.83 18.56 0.89
C SER B 61 -8.93 18.68 -0.66
N PRO B 62 -9.84 19.53 -1.21
CA PRO B 62 -9.97 19.63 -2.68
C PRO B 62 -8.74 20.30 -3.32
N GLU B 63 -8.04 21.11 -2.51
CA GLU B 63 -6.82 21.88 -2.78
C GLU B 63 -5.71 20.93 -3.19
N SER B 64 -5.34 20.04 -2.26
CA SER B 64 -4.30 19.04 -2.45
C SER B 64 -4.67 18.06 -3.58
N LEU B 65 -5.97 17.65 -3.70
CA LEU B 65 -6.37 16.71 -4.77
C LEU B 65 -6.15 17.31 -6.17
N ARG B 66 -6.61 18.56 -6.39
CA ARG B 66 -6.46 19.27 -7.66
C ARG B 66 -4.99 19.41 -8.05
N SER B 67 -4.12 19.84 -7.11
CA SER B 67 -2.70 20.02 -7.39
C SER B 67 -2.02 18.69 -7.71
N LYS B 68 -2.45 17.58 -7.04
CA LYS B 68 -1.90 16.24 -7.31
C LYS B 68 -2.38 15.73 -8.67
N VAL B 69 -3.63 16.01 -9.04
CA VAL B 69 -4.19 15.64 -10.35
C VAL B 69 -3.40 16.37 -11.45
N ASP B 70 -3.13 17.67 -11.27
CA ASP B 70 -2.34 18.49 -12.20
C ASP B 70 -0.91 17.95 -12.34
N GLU B 71 -0.31 17.54 -11.22
CA GLU B 71 1.04 16.96 -11.21
C GLU B 71 1.05 15.62 -11.96
N ALA B 72 -0.01 14.80 -11.82
CA ALA B 72 -0.16 13.51 -12.50
C ALA B 72 -0.30 13.71 -14.00
N VAL B 73 -1.07 14.76 -14.40
CA VAL B 73 -1.31 15.16 -15.78
C VAL B 73 0.04 15.52 -16.44
N ALA B 74 0.92 16.22 -15.68
CA ALA B 74 2.25 16.60 -16.17
C ALA B 74 3.14 15.38 -16.39
N VAL B 75 3.01 14.36 -15.53
CA VAL B 75 3.76 13.11 -15.63
C VAL B 75 3.36 12.37 -16.91
N LEU B 76 2.06 12.36 -17.24
CA LEU B 76 1.54 11.70 -18.44
C LEU B 76 1.91 12.38 -19.77
N GLN B 77 2.15 13.71 -19.74
CA GLN B 77 2.47 14.52 -20.90
C GLN B 77 3.78 14.06 -21.57
N ALA B 78 3.70 13.70 -22.87
CA ALA B 78 4.85 13.24 -23.64
C ALA B 78 5.77 14.40 -23.93
N HIS B 79 7.07 14.13 -24.07
CA HIS B 79 8.11 15.13 -24.33
C HIS B 79 7.91 15.82 -25.67
N GLN B 80 8.35 17.08 -25.77
CA GLN B 80 8.29 17.89 -27.00
C GLN B 80 9.69 17.85 -27.66
N ALA B 81 9.77 17.36 -28.93
CA ALA B 81 11.01 17.22 -29.68
C ALA B 81 11.48 18.56 -30.27
N GLU C 5 -19.41 8.49 24.93
CA GLU C 5 -19.87 7.16 25.30
C GLU C 5 -18.69 6.21 25.59
N THR C 6 -18.87 5.27 26.53
CA THR C 6 -17.88 4.25 26.93
C THR C 6 -18.28 2.90 26.33
N LEU C 7 -17.36 2.26 25.58
CA LEU C 7 -17.65 0.99 24.92
C LEU C 7 -17.54 -0.18 25.91
N THR C 8 -18.70 -0.74 26.26
CA THR C 8 -18.80 -1.88 27.16
C THR C 8 -18.76 -3.16 26.33
N ALA C 9 -18.44 -4.30 26.99
CA ALA C 9 -18.42 -5.60 26.32
C ALA C 9 -19.84 -5.99 25.85
N SER C 10 -20.90 -5.63 26.63
CA SER C 10 -22.29 -5.91 26.28
C SER C 10 -22.74 -5.09 25.06
N ARG C 11 -22.32 -3.80 24.96
CA ARG C 11 -22.66 -2.93 23.82
C ARG C 11 -22.02 -3.45 22.54
N LEU C 12 -20.75 -3.87 22.62
CA LEU C 12 -20.00 -4.42 21.48
C LEU C 12 -20.64 -5.73 21.01
N ALA C 13 -20.96 -6.63 21.96
CA ALA C 13 -21.56 -7.95 21.71
C ALA C 13 -22.91 -7.88 21.01
N SER C 14 -23.68 -6.78 21.18
CA SER C 14 -25.00 -6.59 20.58
C SER C 14 -24.93 -6.32 19.05
N ALA C 15 -23.75 -5.94 18.55
CA ALA C 15 -23.56 -5.63 17.14
C ALA C 15 -22.97 -6.81 16.32
N PRO C 16 -23.16 -6.84 14.96
CA PRO C 16 -22.57 -7.92 14.14
C PRO C 16 -21.03 -7.99 14.24
N PRO C 17 -20.43 -9.18 14.00
CA PRO C 17 -18.96 -9.34 14.15
C PRO C 17 -18.05 -8.31 13.45
N GLN C 18 -18.30 -7.95 12.16
CA GLN C 18 -17.45 -6.98 11.45
C GLN C 18 -17.69 -5.55 11.97
N LYS C 19 -18.96 -5.25 12.37
CA LYS C 19 -19.36 -3.97 12.97
C LYS C 19 -18.56 -3.75 14.29
N GLN C 20 -18.29 -4.86 15.03
CA GLN C 20 -17.52 -4.88 16.27
C GLN C 20 -16.09 -4.42 16.06
N LYS C 21 -15.45 -4.86 14.95
CA LYS C 21 -14.06 -4.48 14.65
C LYS C 21 -13.98 -3.00 14.26
N GLN C 22 -14.95 -2.49 13.51
CA GLN C 22 -15.01 -1.08 13.13
C GLN C 22 -15.18 -0.18 14.36
N MSE C 23 -16.05 -0.58 15.31
CA MSE C 23 -16.28 0.14 16.56
C MSE C 23 -15.03 0.20 17.40
O MSE C 23 -14.71 1.25 17.94
CB MSE C 23 -17.42 -0.51 17.36
CG MSE C 23 -18.76 -0.31 16.70
SE MSE C 23 -20.24 -1.12 17.69
CE MSE C 23 -19.75 -2.92 17.67
N LEU C 24 -14.31 -0.91 17.51
CA LEU C 24 -13.05 -0.96 18.24
C LEU C 24 -11.97 -0.13 17.53
N GLY C 25 -11.95 -0.19 16.20
CA GLY C 25 -11.05 0.60 15.38
C GLY C 25 -11.19 2.10 15.59
N GLU C 26 -12.45 2.59 15.64
CA GLU C 26 -12.78 4.00 15.87
C GLU C 26 -12.23 4.50 17.21
N ARG C 27 -12.16 3.63 18.24
CA ARG C 27 -11.65 4.00 19.57
C ARG C 27 -10.13 3.86 19.61
N LEU C 28 -9.59 2.81 18.98
CA LEU C 28 -8.16 2.52 18.98
C LEU C 28 -7.35 3.53 18.15
N PHE C 29 -7.82 3.83 16.93
CA PHE C 29 -7.12 4.70 15.98
C PHE C 29 -6.67 6.05 16.58
N PRO C 30 -7.51 6.89 17.22
CA PRO C 30 -7.00 8.18 17.73
C PRO C 30 -5.88 8.03 18.76
N LEU C 31 -5.96 7.00 19.62
CA LEU C 31 -4.97 6.72 20.67
C LEU C 31 -3.65 6.28 20.05
N ILE C 32 -3.70 5.38 19.06
CA ILE C 32 -2.53 4.88 18.34
C ILE C 32 -1.92 6.01 17.50
N GLN C 33 -2.75 6.85 16.86
CA GLN C 33 -2.28 8.00 16.09
C GLN C 33 -1.54 9.01 16.97
N ALA C 34 -1.95 9.18 18.23
CA ALA C 34 -1.29 10.08 19.19
C ALA C 34 0.13 9.59 19.48
N MSE C 35 0.35 8.27 19.44
CA MSE C 35 1.64 7.62 19.68
C MSE C 35 2.55 7.58 18.45
O MSE C 35 3.73 7.89 18.56
CB MSE C 35 1.44 6.18 20.15
CG MSE C 35 0.62 6.04 21.40
SE MSE C 35 0.56 4.14 21.90
CE MSE C 35 -0.81 4.21 23.14
N HIS C 36 2.01 7.12 17.30
CA HIS C 36 2.72 6.93 16.02
C HIS C 36 1.84 7.41 14.88
N PRO C 37 1.77 8.71 14.61
CA PRO C 37 0.85 9.21 13.55
C PRO C 37 1.07 8.66 12.13
N THR C 38 2.32 8.38 11.74
CA THR C 38 2.63 7.89 10.40
C THR C 38 2.22 6.42 10.22
N LEU C 39 2.39 5.60 11.27
CA LEU C 39 2.11 4.16 11.21
C LEU C 39 0.76 3.78 11.79
N ALA C 40 -0.02 4.77 12.25
CA ALA C 40 -1.30 4.58 12.96
C ALA C 40 -2.28 3.64 12.23
N GLY C 41 -2.49 3.86 10.94
CA GLY C 41 -3.38 3.06 10.11
C GLY C 41 -2.98 1.60 10.05
N LYS C 42 -1.67 1.35 9.87
CA LYS C 42 -1.08 0.01 9.79
C LYS C 42 -1.14 -0.69 11.14
N ILE C 43 -0.78 0.02 12.23
CA ILE C 43 -0.81 -0.53 13.59
C ILE C 43 -2.25 -0.91 13.95
N THR C 44 -3.21 0.01 13.70
CA THR C 44 -4.62 -0.21 14.01
C THR C 44 -5.13 -1.47 13.28
N GLY C 45 -4.88 -1.55 11.99
CA GLY C 45 -5.28 -2.72 11.21
C GLY C 45 -4.76 -4.03 11.73
N MSE C 46 -3.49 -4.03 12.17
CA MSE C 46 -2.85 -5.21 12.70
C MSE C 46 -3.41 -5.58 14.08
O MSE C 46 -3.72 -6.75 14.30
CB MSE C 46 -1.36 -4.99 12.77
CG MSE C 46 -0.61 -6.25 13.06
SE MSE C 46 1.27 -5.92 13.49
CE MSE C 46 1.79 -4.76 11.97
N LEU C 47 -3.57 -4.58 15.00
CA LEU C 47 -4.09 -4.81 16.35
C LEU C 47 -5.54 -5.26 16.31
N LEU C 48 -6.28 -4.94 15.24
CA LEU C 48 -7.68 -5.36 15.12
C LEU C 48 -7.81 -6.86 14.91
N GLU C 49 -6.70 -7.58 14.71
CA GLU C 49 -6.72 -9.05 14.58
C GLU C 49 -6.77 -9.74 15.95
N ILE C 50 -6.47 -8.98 17.03
CA ILE C 50 -6.52 -9.44 18.41
C ILE C 50 -7.99 -9.66 18.79
N ASP C 51 -8.27 -10.64 19.70
CA ASP C 51 -9.62 -10.96 20.16
CA ASP C 51 -9.63 -10.95 20.17
C ASP C 51 -10.24 -9.70 20.79
N ASN C 52 -11.53 -9.47 20.51
CA ASN C 52 -12.31 -8.32 20.97
C ASN C 52 -12.24 -8.07 22.48
N SER C 53 -12.24 -9.12 23.33
CA SER C 53 -12.15 -8.95 24.78
C SER C 53 -10.81 -8.35 25.18
N GLU C 54 -9.71 -8.80 24.54
CA GLU C 54 -8.37 -8.28 24.80
C GLU C 54 -8.25 -6.81 24.29
N LEU C 55 -8.91 -6.48 23.18
CA LEU C 55 -8.96 -5.13 22.64
C LEU C 55 -9.71 -4.17 23.59
N LEU C 56 -10.82 -4.64 24.19
CA LEU C 56 -11.60 -3.84 25.15
C LEU C 56 -10.80 -3.57 26.39
N TYR C 57 -9.96 -4.52 26.82
CA TYR C 57 -9.07 -4.38 27.97
C TYR C 57 -8.03 -3.31 27.67
N MSE C 58 -7.43 -3.36 26.47
CA MSE C 58 -6.40 -2.41 26.02
CA MSE C 58 -6.43 -2.41 26.00
C MSE C 58 -6.95 -0.98 25.96
O MSE C 58 -6.22 -0.04 26.23
CB MSE C 58 -5.84 -2.84 24.67
CB MSE C 58 -5.96 -2.78 24.60
CG MSE C 58 -4.79 -3.94 24.79
CG MSE C 58 -4.80 -3.71 24.60
SE MSE C 58 -4.70 -5.10 23.23
SE MSE C 58 -4.48 -4.13 22.75
CE MSE C 58 -4.37 -3.74 21.81
CE MSE C 58 -5.11 -5.85 22.75
N LEU C 59 -8.24 -0.82 25.62
CA LEU C 59 -8.88 0.50 25.54
C LEU C 59 -9.07 1.11 26.94
N GLU C 60 -8.99 0.27 27.98
CA GLU C 60 -9.13 0.68 29.37
C GLU C 60 -7.79 0.58 30.11
N SER C 61 -6.73 0.15 29.43
CA SER C 61 -5.41 0.00 30.05
C SER C 61 -4.36 0.67 29.14
N PRO C 62 -4.06 1.96 29.40
CA PRO C 62 -3.09 2.68 28.54
C PRO C 62 -1.71 2.00 28.43
N GLU C 63 -1.22 1.38 29.53
CA GLU C 63 0.07 0.68 29.57
C GLU C 63 0.05 -0.53 28.65
N SER C 64 -1.04 -1.32 28.65
CA SER C 64 -1.14 -2.52 27.83
C SER C 64 -1.35 -2.16 26.36
N LEU C 65 -2.06 -1.05 26.05
CA LEU C 65 -2.19 -0.60 24.66
C LEU C 65 -0.82 -0.18 24.13
N ARG C 66 -0.05 0.55 24.95
CA ARG C 66 1.30 1.01 24.60
C ARG C 66 2.23 -0.16 24.28
N SER C 67 2.24 -1.22 25.10
CA SER C 67 3.12 -2.38 24.87
C SER C 67 2.71 -3.15 23.59
N LYS C 68 1.40 -3.21 23.28
CA LYS C 68 0.92 -3.83 22.03
C LYS C 68 1.28 -3.00 20.83
N VAL C 69 1.19 -1.67 20.95
CA VAL C 69 1.56 -0.73 19.87
C VAL C 69 3.07 -0.90 19.57
N ASP C 70 3.92 -0.98 20.62
CA ASP C 70 5.36 -1.19 20.49
C ASP C 70 5.68 -2.52 19.79
N GLU C 71 4.94 -3.59 20.13
CA GLU C 71 5.10 -4.89 19.48
C GLU C 71 4.72 -4.82 17.99
N ALA C 72 3.64 -4.09 17.66
CA ALA C 72 3.18 -3.90 16.29
C ALA C 72 4.21 -3.09 15.48
N VAL C 73 4.81 -2.06 16.11
CA VAL C 73 5.85 -1.20 15.54
C VAL C 73 7.05 -2.05 15.17
N ALA C 74 7.42 -3.04 16.03
CA ALA C 74 8.55 -3.93 15.76
C ALA C 74 8.25 -4.82 14.53
N VAL C 75 6.98 -5.26 14.37
CA VAL C 75 6.55 -6.09 13.25
C VAL C 75 6.73 -5.27 11.94
N LEU C 76 6.39 -3.97 11.97
CA LEU C 76 6.46 -3.10 10.80
C LEU C 76 7.87 -2.66 10.40
N GLN C 77 8.81 -2.63 11.38
CA GLN C 77 10.21 -2.23 11.22
CA GLN C 77 10.18 -2.16 11.13
C GLN C 77 10.91 -3.06 10.13
N ALA C 78 11.45 -2.39 9.09
CA ALA C 78 12.19 -2.99 7.99
C ALA C 78 13.55 -3.45 8.47
N HIS C 79 14.19 -4.39 7.74
CA HIS C 79 15.49 -4.95 8.11
C HIS C 79 16.63 -3.88 8.07
N GLN C 80 16.49 -2.84 7.22
CA GLN C 80 17.50 -1.78 7.11
C GLN C 80 17.15 -0.61 8.03
N GLU D 5 6.28 -19.27 -10.78
CA GLU D 5 6.94 -17.96 -10.96
C GLU D 5 7.29 -17.31 -9.60
N THR D 6 8.38 -16.48 -9.57
CA THR D 6 8.84 -15.74 -8.39
C THR D 6 8.40 -14.28 -8.55
N LEU D 7 7.77 -13.71 -7.49
CA LEU D 7 7.28 -12.35 -7.53
C LEU D 7 8.44 -11.37 -7.31
N THR D 8 8.82 -10.67 -8.41
CA THR D 8 9.88 -9.67 -8.41
C THR D 8 9.28 -8.30 -8.09
N ALA D 9 10.15 -7.35 -7.73
CA ALA D 9 9.74 -5.99 -7.47
C ALA D 9 9.17 -5.34 -8.74
N SER D 10 9.75 -5.64 -9.93
CA SER D 10 9.25 -5.12 -11.22
C SER D 10 7.89 -5.69 -11.57
N ARG D 11 7.64 -6.99 -11.30
CA ARG D 11 6.35 -7.62 -11.59
C ARG D 11 5.26 -7.03 -10.65
N LEU D 12 5.57 -6.80 -9.38
CA LEU D 12 4.62 -6.20 -8.45
C LEU D 12 4.33 -4.74 -8.85
N ALA D 13 5.37 -3.98 -9.20
CA ALA D 13 5.24 -2.56 -9.62
C ALA D 13 4.38 -2.41 -10.88
N SER D 14 4.38 -3.42 -11.77
CA SER D 14 3.63 -3.46 -13.03
C SER D 14 2.15 -3.74 -12.83
N ALA D 15 1.77 -4.28 -11.66
CA ALA D 15 0.39 -4.62 -11.33
C ALA D 15 -0.36 -3.38 -10.78
N PRO D 16 -1.70 -3.27 -10.99
CA PRO D 16 -2.43 -2.11 -10.43
C PRO D 16 -2.31 -2.04 -8.91
N PRO D 17 -2.22 -0.81 -8.32
CA PRO D 17 -2.10 -0.70 -6.85
C PRO D 17 -3.20 -1.43 -6.11
N GLN D 18 -4.42 -1.53 -6.71
CA GLN D 18 -5.58 -2.26 -6.15
C GLN D 18 -5.32 -3.74 -5.98
N LYS D 19 -4.37 -4.31 -6.75
CA LYS D 19 -4.11 -5.76 -6.74
C LYS D 19 -2.83 -6.19 -6.00
N GLN D 20 -1.98 -5.24 -5.60
CA GLN D 20 -0.69 -5.57 -5.01
C GLN D 20 -0.73 -6.29 -3.67
N LYS D 21 -1.55 -5.84 -2.69
CA LYS D 21 -1.60 -6.54 -1.39
C LYS D 21 -2.17 -7.98 -1.56
N GLN D 22 -3.16 -8.14 -2.45
CA GLN D 22 -3.75 -9.44 -2.78
C GLN D 22 -2.66 -10.40 -3.27
N MSE D 23 -1.86 -9.94 -4.26
CA MSE D 23 -0.77 -10.71 -4.84
C MSE D 23 0.26 -11.12 -3.80
O MSE D 23 0.71 -12.27 -3.84
CB MSE D 23 -0.08 -9.91 -5.93
CG MSE D 23 -0.87 -9.83 -7.21
SE MSE D 23 0.09 -8.73 -8.48
CE MSE D 23 1.39 -10.03 -9.10
N LEU D 24 0.65 -10.21 -2.91
CA LEU D 24 1.63 -10.51 -1.87
C LEU D 24 1.05 -11.51 -0.87
N GLY D 25 -0.24 -11.38 -0.53
CA GLY D 25 -0.93 -12.29 0.36
C GLY D 25 -0.96 -13.73 -0.13
N GLU D 26 -1.24 -13.91 -1.42
CA GLU D 26 -1.27 -15.20 -2.10
C GLU D 26 0.07 -15.94 -2.00
N ARG D 27 1.19 -15.20 -2.01
CA ARG D 27 2.53 -15.77 -1.91
C ARG D 27 2.96 -15.96 -0.46
N LEU D 28 2.58 -15.03 0.43
CA LEU D 28 2.92 -15.05 1.86
C LEU D 28 2.24 -16.21 2.59
N PHE D 29 0.93 -16.41 2.34
CA PHE D 29 0.13 -17.40 3.02
C PHE D 29 0.76 -18.83 3.04
N PRO D 30 1.16 -19.46 1.90
CA PRO D 30 1.73 -20.82 1.99
C PRO D 30 3.02 -20.91 2.81
N LEU D 31 3.82 -19.85 2.81
CA LEU D 31 5.08 -19.78 3.54
C LEU D 31 4.83 -19.66 5.03
N ILE D 32 3.86 -18.84 5.43
CA ILE D 32 3.49 -18.67 6.84
C ILE D 32 2.85 -19.99 7.33
N GLN D 33 2.07 -20.62 6.45
CA GLN D 33 1.37 -21.88 6.70
C GLN D 33 2.36 -23.03 6.96
N ALA D 34 3.55 -22.96 6.38
CA ALA D 34 4.58 -23.97 6.56
C ALA D 34 5.25 -23.83 7.97
N MSE D 35 5.03 -22.71 8.64
CA MSE D 35 5.56 -22.43 9.97
C MSE D 35 4.49 -22.61 11.05
O MSE D 35 4.70 -23.36 11.99
CB MSE D 35 6.14 -21.01 10.05
CG MSE D 35 7.33 -20.82 9.14
SE MSE D 35 7.71 -18.94 8.91
CE MSE D 35 9.10 -19.10 7.48
N HIS D 36 3.37 -21.86 10.92
CA HIS D 36 2.25 -21.85 11.85
C HIS D 36 0.92 -21.96 11.10
N PRO D 37 0.53 -23.19 10.67
CA PRO D 37 -0.71 -23.34 9.88
C PRO D 37 -2.00 -22.87 10.55
N THR D 38 -2.09 -22.98 11.89
CA THR D 38 -3.30 -22.63 12.66
C THR D 38 -3.60 -21.13 12.60
N LEU D 39 -2.58 -20.28 12.75
CA LEU D 39 -2.81 -18.83 12.74
C LEU D 39 -2.37 -18.17 11.43
N ALA D 40 -1.98 -18.96 10.41
CA ALA D 40 -1.45 -18.47 9.13
C ALA D 40 -2.35 -17.43 8.46
N GLY D 41 -3.67 -17.66 8.43
CA GLY D 41 -4.61 -16.72 7.82
C GLY D 41 -4.59 -15.35 8.46
N LYS D 42 -4.62 -15.33 9.81
CA LYS D 42 -4.58 -14.13 10.63
C LYS D 42 -3.23 -13.44 10.51
N ILE D 43 -2.13 -14.20 10.61
CA ILE D 43 -0.76 -13.67 10.55
C ILE D 43 -0.53 -13.05 9.18
N THR D 44 -1.00 -13.69 8.10
CA THR D 44 -0.89 -13.17 6.73
C THR D 44 -1.52 -11.77 6.64
N GLY D 45 -2.76 -11.64 7.12
CA GLY D 45 -3.46 -10.36 7.14
C GLY D 45 -2.70 -9.28 7.88
N MSE D 46 -2.08 -9.64 9.01
CA MSE D 46 -1.29 -8.71 9.84
C MSE D 46 -0.02 -8.30 9.13
O MSE D 46 0.26 -7.11 9.10
CB MSE D 46 -0.94 -9.35 11.18
CG MSE D 46 -2.17 -9.70 11.97
SE MSE D 46 -1.72 -10.90 13.45
CE MSE D 46 -1.20 -9.52 14.78
N LEU D 47 0.75 -9.26 8.57
CA LEU D 47 2.01 -8.99 7.89
C LEU D 47 1.80 -8.20 6.59
N LEU D 48 0.57 -8.23 6.01
CA LEU D 48 0.26 -7.45 4.83
C LEU D 48 0.22 -5.96 5.12
N GLU D 49 0.32 -5.55 6.39
CA GLU D 49 0.38 -4.13 6.79
C GLU D 49 1.76 -3.56 6.50
N ILE D 50 2.78 -4.44 6.44
CA ILE D 50 4.17 -4.07 6.17
C ILE D 50 4.27 -3.51 4.74
N ASP D 51 5.19 -2.53 4.52
CA ASP D 51 5.40 -1.94 3.20
C ASP D 51 5.77 -3.02 2.20
N ASN D 52 5.25 -2.91 0.99
CA ASN D 52 5.41 -3.84 -0.12
C ASN D 52 6.87 -4.23 -0.41
N SER D 53 7.83 -3.27 -0.36
CA SER D 53 9.25 -3.57 -0.60
C SER D 53 9.81 -4.51 0.48
N GLU D 54 9.46 -4.28 1.75
CA GLU D 54 9.90 -5.13 2.85
C GLU D 54 9.22 -6.52 2.74
N LEU D 55 7.97 -6.58 2.23
CA LEU D 55 7.29 -7.86 2.01
C LEU D 55 7.96 -8.68 0.91
N LEU D 56 8.45 -8.04 -0.15
CA LEU D 56 9.14 -8.70 -1.26
C LEU D 56 10.45 -9.28 -0.78
N TYR D 57 11.17 -8.55 0.11
CA TYR D 57 12.40 -9.01 0.74
C TYR D 57 12.10 -10.29 1.58
N MSE D 58 11.04 -10.20 2.42
CA MSE D 58 10.60 -11.28 3.31
CA MSE D 58 10.58 -11.28 3.30
C MSE D 58 10.19 -12.53 2.54
O MSE D 58 10.40 -13.62 3.05
CB MSE D 58 9.46 -10.80 4.20
CB MSE D 58 9.37 -10.81 4.10
CG MSE D 58 9.92 -9.86 5.31
CG MSE D 58 9.74 -10.30 5.47
SE MSE D 58 8.44 -8.80 6.00
SE MSE D 58 8.08 -9.79 6.33
CE MSE D 58 7.15 -10.29 6.53
CE MSE D 58 8.07 -8.07 5.78
N LEU D 59 9.62 -12.38 1.32
CA LEU D 59 9.24 -13.52 0.49
C LEU D 59 10.49 -14.31 0.03
N GLU D 60 11.67 -13.66 0.07
CA GLU D 60 12.94 -14.27 -0.34
C GLU D 60 13.91 -14.52 0.84
N SER D 61 13.52 -14.14 2.05
CA SER D 61 14.35 -14.29 3.25
C SER D 61 13.58 -15.08 4.30
N PRO D 62 13.79 -16.42 4.34
CA PRO D 62 13.00 -17.25 5.28
C PRO D 62 13.16 -16.88 6.75
N GLU D 63 14.36 -16.46 7.18
CA GLU D 63 14.59 -16.13 8.59
C GLU D 63 13.97 -14.78 8.97
N SER D 64 13.88 -13.83 8.01
CA SER D 64 13.24 -12.54 8.23
CA SER D 64 13.24 -12.53 8.23
C SER D 64 11.73 -12.73 8.33
N LEU D 65 11.17 -13.59 7.46
CA LEU D 65 9.76 -13.90 7.50
C LEU D 65 9.44 -14.62 8.83
N ARG D 66 10.27 -15.58 9.24
CA ARG D 66 10.13 -16.34 10.50
C ARG D 66 10.04 -15.43 11.70
N SER D 67 10.99 -14.47 11.82
CA SER D 67 11.01 -13.55 12.95
C SER D 67 9.79 -12.63 12.95
N LYS D 68 9.28 -12.23 11.77
CA LYS D 68 8.07 -11.39 11.67
C LYS D 68 6.83 -12.19 12.05
N VAL D 69 6.76 -13.49 11.66
CA VAL D 69 5.67 -14.40 12.01
C VAL D 69 5.63 -14.57 13.55
N ASP D 70 6.80 -14.76 14.16
CA ASP D 70 6.95 -14.92 15.61
C ASP D 70 6.50 -13.64 16.36
N GLU D 71 6.86 -12.47 15.80
CA GLU D 71 6.49 -11.17 16.34
C GLU D 71 4.97 -10.99 16.23
N ALA D 72 4.34 -11.42 15.10
CA ALA D 72 2.89 -11.34 14.90
C ALA D 72 2.15 -12.23 15.91
N VAL D 73 2.70 -13.44 16.16
CA VAL D 73 2.17 -14.41 17.13
C VAL D 73 2.14 -13.76 18.52
N ALA D 74 3.23 -13.04 18.89
CA ALA D 74 3.33 -12.35 20.19
C ALA D 74 2.30 -11.23 20.30
N VAL D 75 2.01 -10.52 19.19
CA VAL D 75 1.02 -9.45 19.13
C VAL D 75 -0.38 -10.02 19.46
N LEU D 76 -0.70 -11.22 18.92
CA LEU D 76 -2.00 -11.87 19.12
C LEU D 76 -2.20 -12.42 20.55
N GLN D 77 -1.12 -12.71 21.26
CA GLN D 77 -1.17 -13.27 22.61
C GLN D 77 -1.76 -12.26 23.62
N ALA D 78 -2.85 -12.67 24.32
CA ALA D 78 -3.52 -11.85 25.31
C ALA D 78 -2.66 -11.66 26.58
N HIS D 79 -2.96 -10.64 27.40
CA HIS D 79 -2.24 -10.36 28.66
C HIS D 79 -2.41 -11.55 29.67
N GLN D 80 -1.39 -11.75 30.54
CA GLN D 80 -1.35 -12.84 31.55
C GLN D 80 -2.43 -12.67 32.64
CL CL E . 14.85 6.85 -2.40
CL CL F . 5.00 7.47 13.49
#